data_8AU2
#
_entry.id   8AU2
#
_cell.length_a   82.037
_cell.length_b   112.418
_cell.length_c   62.433
_cell.angle_alpha   90.00
_cell.angle_beta   90.00
_cell.angle_gamma   90.00
#
_symmetry.space_group_name_H-M   'C 2 2 21'
#
loop_
_entity.id
_entity.type
_entity.pdbx_description
1 polymer '14-3-3 protein sigma'
2 polymer 'Estrogen receptor'
3 non-polymer 'MAGNESIUM ION'
4 non-polymer 2-chloranyl-~{N}-[2-[1-[4-[(4-chlorophenyl)amino]piperidin-4-yl]carbonylpiperidin-4-yl]ethyl]ethanamide
5 water water
#
loop_
_entity_poly.entity_id
_entity_poly.type
_entity_poly.pdbx_seq_one_letter_code
_entity_poly.pdbx_strand_id
1 'polypeptide(L)'
;GAMGSMERASLIQKAKLAEQAERYEDMAAFMKGAVEKGEELSCEERNLLSVAYKNVVGGQRAAWRVLSSIEQKSNEEGSE
EKGPEVREYREKVETELQGVCDTVLGLLDSHLIKEAGDAESRVFYLKMKGDYYRYLAEVATGDDKKRIIDSARSAYQEAM
DISKKEMPPTNPIRLGLALNFSVFHYEIANSPEEAISLAKTTFDEAMADLHTLSEDSYKDSTLIMQLLRDNLTLWT
;
A
2 'polypeptide(L)' FPA(TPO)V B
#
loop_
_chem_comp.id
_chem_comp.type
_chem_comp.name
_chem_comp.formula
MG non-polymer 'MAGNESIUM ION' 'Mg 2'
O3O non-polymer 2-chloranyl-~{N}-[2-[1-[4-[(4-chlorophenyl)amino]piperidin-4-yl]carbonylpiperidin-4-yl]ethyl]ethanamide 'C21 H30 Cl2 N4 O2'
#
# COMPACT_ATOMS: atom_id res chain seq x y z
N GLY A 1 -19.08 -15.89 -4.65
CA GLY A 1 -17.60 -15.99 -4.50
C GLY A 1 -17.24 -17.44 -4.22
N ALA A 2 -16.11 -17.87 -4.79
CA ALA A 2 -15.63 -19.25 -4.69
C ALA A 2 -15.19 -19.66 -3.28
N MET A 3 -15.00 -18.67 -2.42
CA MET A 3 -14.69 -18.92 -1.01
C MET A 3 -15.91 -18.91 -0.09
N GLY A 4 -17.11 -18.70 -0.66
CA GLY A 4 -18.35 -18.62 0.10
C GLY A 4 -18.69 -19.83 0.94
N SER A 5 -18.26 -21.01 0.47
CA SER A 5 -18.56 -22.24 1.21
C SER A 5 -17.52 -22.60 2.27
N MET A 6 -16.40 -21.86 2.35
CA MET A 6 -15.34 -22.21 3.31
C MET A 6 -15.47 -21.42 4.60
N GLU A 7 -15.27 -22.11 5.72
CA GLU A 7 -15.29 -21.48 7.05
C GLU A 7 -14.32 -20.30 7.13
N ARG A 8 -14.75 -19.24 7.81
CA ARG A 8 -13.87 -18.06 8.06
C ARG A 8 -12.54 -18.54 8.68
N ALA A 9 -12.59 -19.36 9.73
CA ALA A 9 -11.36 -19.77 10.40
C ALA A 9 -10.47 -20.59 9.47
N SER A 10 -11.09 -21.38 8.59
CA SER A 10 -10.35 -22.18 7.61
C SER A 10 -9.67 -21.28 6.57
N LEU A 11 -10.35 -20.23 6.14
CA LEU A 11 -9.74 -19.26 5.23
C LEU A 11 -8.51 -18.58 5.85
N ILE A 12 -8.61 -18.16 7.12
CA ILE A 12 -7.48 -17.55 7.84
C ILE A 12 -6.34 -18.56 7.98
N GLN A 13 -6.66 -19.80 8.36
CA GLN A 13 -5.65 -20.86 8.44
C GLN A 13 -4.91 -21.07 7.11
N LYS A 14 -5.68 -21.14 6.03
CA LYS A 14 -5.08 -21.31 4.72
C LYS A 14 -4.31 -20.09 4.23
N ALA A 15 -4.72 -18.89 4.63
CA ALA A 15 -3.96 -17.71 4.27
C ALA A 15 -2.55 -17.81 4.89
N LYS A 16 -2.48 -18.29 6.13
CA LYS A 16 -1.19 -18.43 6.80
C LYS A 16 -0.32 -19.49 6.12
N LEU A 17 -0.94 -20.59 5.70
CA LEU A 17 -0.23 -21.64 4.96
C LEU A 17 0.30 -21.09 3.65
N ALA A 18 -0.54 -20.32 2.95
CA ALA A 18 -0.18 -19.75 1.67
C ALA A 18 1.00 -18.80 1.85
N GLU A 19 0.98 -18.00 2.91
CA GLU A 19 2.10 -17.14 3.24
C GLU A 19 3.40 -17.97 3.40
N GLN A 20 3.34 -19.06 4.18
CA GLN A 20 4.54 -19.90 4.38
C GLN A 20 5.09 -20.47 3.09
N ALA A 21 4.19 -20.78 2.15
CA ALA A 21 4.52 -21.33 0.85
C ALA A 21 4.80 -20.25 -0.21
N GLU A 22 4.78 -18.97 0.17
CA GLU A 22 4.98 -17.85 -0.75
C GLU A 22 4.00 -17.87 -1.94
N ARG A 23 2.76 -18.26 -1.65
CA ARG A 23 1.64 -18.37 -2.63
C ARG A 23 0.71 -17.16 -2.39
N TYR A 24 1.17 -15.99 -2.77
CA TYR A 24 0.52 -14.71 -2.37
C TYR A 24 -0.82 -14.52 -3.08
N GLU A 25 -0.96 -14.99 -4.33
CA GLU A 25 -2.25 -14.93 -5.01
C GLU A 25 -3.30 -15.74 -4.24
N ASP A 26 -2.95 -16.96 -3.83
CA ASP A 26 -3.81 -17.75 -2.98
C ASP A 26 -4.10 -17.05 -1.66
N MET A 27 -3.05 -16.50 -1.04
CA MET A 27 -3.20 -15.82 0.26
C MET A 27 -4.25 -14.72 0.12
N ALA A 28 -4.16 -13.95 -0.96
CA ALA A 28 -5.07 -12.87 -1.21
C ALA A 28 -6.51 -13.34 -1.40
N ALA A 29 -6.68 -14.41 -2.18
CA ALA A 29 -8.00 -14.98 -2.44
C ALA A 29 -8.62 -15.49 -1.13
N PHE A 30 -7.81 -16.08 -0.25
CA PHE A 30 -8.32 -16.56 1.04
C PHE A 30 -8.74 -15.37 1.92
N MET A 31 -7.90 -14.34 1.99
CA MET A 31 -8.23 -13.17 2.79
C MET A 31 -9.44 -12.41 2.26
N LYS A 32 -9.57 -12.29 0.94
CA LYS A 32 -10.80 -11.73 0.37
C LYS A 32 -12.04 -12.51 0.85
N GLY A 33 -11.96 -13.85 0.81
CA GLY A 33 -13.05 -14.67 1.28
C GLY A 33 -13.36 -14.40 2.73
N ALA A 34 -12.29 -14.28 3.55
CA ALA A 34 -12.47 -13.98 4.96
C ALA A 34 -13.17 -12.63 5.17
N VAL A 35 -12.73 -11.60 4.46
CA VAL A 35 -13.34 -10.28 4.61
C VAL A 35 -14.81 -10.35 4.22
N GLU A 36 -15.13 -11.09 3.16
CA GLU A 36 -16.49 -11.20 2.66
C GLU A 36 -17.45 -11.96 3.57
N LYS A 37 -16.94 -12.59 4.63
CA LYS A 37 -17.80 -13.11 5.68
C LYS A 37 -18.54 -12.04 6.43
N GLY A 38 -18.03 -10.80 6.35
CA GLY A 38 -18.71 -9.64 6.91
C GLY A 38 -18.39 -9.25 8.36
N GLU A 39 -17.61 -10.06 9.06
CA GLU A 39 -17.13 -9.73 10.39
C GLU A 39 -15.90 -8.83 10.26
N GLU A 40 -15.69 -8.01 11.29
CA GLU A 40 -14.49 -7.18 11.39
C GLU A 40 -13.27 -8.08 11.48
N LEU A 41 -12.11 -7.54 11.07
CA LEU A 41 -10.83 -8.22 11.16
C LEU A 41 -10.06 -7.83 12.41
N SER A 42 -9.40 -8.81 13.01
CA SER A 42 -8.48 -8.57 14.10
C SER A 42 -7.19 -7.96 13.55
N CYS A 43 -6.30 -7.55 14.47
CA CYS A 43 -5.00 -7.03 14.15
C CYS A 43 -4.21 -7.98 13.23
N GLU A 44 -4.17 -9.25 13.62
CA GLU A 44 -3.40 -10.25 12.88
C GLU A 44 -4.03 -10.43 11.48
N GLU A 45 -5.35 -10.44 11.44
CA GLU A 45 -6.08 -10.67 10.19
C GLU A 45 -5.86 -9.50 9.21
N ARG A 46 -5.90 -8.28 9.73
CA ARG A 46 -5.63 -7.06 8.93
C ARG A 46 -4.23 -7.17 8.34
N ASN A 47 -3.27 -7.64 9.14
CA ASN A 47 -1.93 -7.78 8.62
C ASN A 47 -1.87 -8.83 7.50
N LEU A 48 -2.57 -9.96 7.69
CA LEU A 48 -2.61 -10.97 6.65
C LEU A 48 -3.15 -10.40 5.34
N LEU A 49 -4.18 -9.57 5.45
CA LEU A 49 -4.82 -9.00 4.27
C LEU A 49 -3.84 -8.10 3.51
N SER A 50 -3.16 -7.23 4.28
CA SER A 50 -2.27 -6.26 3.69
C SER A 50 -1.06 -6.95 3.11
N VAL A 51 -0.53 -7.98 3.81
CA VAL A 51 0.63 -8.72 3.29
C VAL A 51 0.33 -9.36 1.94
N ALA A 52 -0.83 -10.01 1.84
CA ALA A 52 -1.21 -10.76 0.64
C ALA A 52 -1.27 -9.82 -0.56
N TYR A 53 -2.04 -8.75 -0.44
CA TYR A 53 -2.26 -7.85 -1.60
C TYR A 53 -1.01 -7.01 -1.86
N LYS A 54 -0.17 -6.73 -0.84
CA LYS A 54 1.07 -6.00 -1.11
C LYS A 54 2.01 -6.79 -2.00
N ASN A 55 2.11 -8.10 -1.75
CA ASN A 55 2.97 -8.97 -2.50
C ASN A 55 2.44 -9.15 -3.91
N VAL A 56 1.12 -9.31 -4.03
CA VAL A 56 0.55 -9.51 -5.37
C VAL A 56 0.77 -8.28 -6.22
N VAL A 57 0.33 -7.13 -5.73
CA VAL A 57 0.43 -5.88 -6.50
C VAL A 57 1.88 -5.46 -6.65
N GLY A 58 2.72 -5.77 -5.66
CA GLY A 58 4.13 -5.46 -5.78
C GLY A 58 4.77 -6.13 -6.98
N GLY A 59 4.46 -7.41 -7.21
CA GLY A 59 4.91 -8.14 -8.39
C GLY A 59 4.39 -7.54 -9.70
N GLN A 60 3.11 -7.19 -9.73
CA GLN A 60 2.50 -6.56 -10.89
C GLN A 60 3.19 -5.23 -11.21
N ARG A 61 3.44 -4.42 -10.18
CA ARG A 61 4.09 -3.10 -10.36
C ARG A 61 5.49 -3.33 -10.96
N ALA A 62 6.25 -4.27 -10.40
CA ALA A 62 7.60 -4.53 -10.86
C ALA A 62 7.54 -4.89 -12.33
N ALA A 63 6.59 -5.74 -12.71
CA ALA A 63 6.50 -6.18 -14.10
C ALA A 63 6.09 -5.04 -14.99
N TRP A 64 5.16 -4.22 -14.50
CA TRP A 64 4.67 -3.07 -15.26
C TRP A 64 5.83 -2.14 -15.56
N ARG A 65 6.77 -1.99 -14.63
CA ARG A 65 7.89 -1.04 -14.80
C ARG A 65 8.87 -1.57 -15.84
N VAL A 66 9.08 -2.90 -15.86
CA VAL A 66 9.92 -3.52 -16.85
C VAL A 66 9.33 -3.25 -18.23
N LEU A 67 8.02 -3.50 -18.37
CA LEU A 67 7.37 -3.37 -19.65
C LEU A 67 7.27 -1.91 -20.10
N SER A 68 6.94 -1.02 -19.17
CA SER A 68 6.83 0.41 -19.50
C SER A 68 8.18 0.96 -19.97
N SER A 69 9.28 0.47 -19.39
CA SER A 69 10.63 0.88 -19.76
C SER A 69 10.95 0.43 -21.18
N ILE A 70 10.62 -0.82 -21.51
CA ILE A 70 10.85 -1.33 -22.85
C ILE A 70 10.01 -0.51 -23.85
N GLU A 71 8.78 -0.17 -23.45
CA GLU A 71 7.87 0.57 -24.30
C GLU A 71 8.39 1.99 -24.57
N GLN A 72 8.96 2.60 -23.54
CA GLN A 72 9.53 3.94 -23.67
C GLN A 72 10.69 3.92 -24.65
N LYS A 73 11.58 2.93 -24.50
CA LYS A 73 12.73 2.76 -25.40
C LYS A 73 12.29 2.63 -26.86
N SER A 74 11.24 1.83 -27.10
CA SER A 74 10.65 1.64 -28.43
C SER A 74 10.19 2.95 -29.08
N ASN A 75 9.81 3.93 -28.26
CA ASN A 75 9.39 5.24 -28.76
C ASN A 75 10.48 6.31 -28.72
N GLU A 76 11.76 5.88 -28.67
CA GLU A 76 12.91 6.76 -28.86
C GLU A 76 13.26 6.80 -30.34
N GLU A 77 13.73 7.96 -30.82
CA GLU A 77 14.14 8.12 -32.20
C GLU A 77 15.23 7.10 -32.53
N GLY A 78 15.09 6.42 -33.66
CA GLY A 78 16.04 5.42 -34.11
C GLY A 78 15.66 3.98 -33.77
N SER A 79 14.63 3.80 -32.94
CA SER A 79 14.17 2.49 -32.52
C SER A 79 13.34 1.88 -33.64
N GLU A 80 13.64 0.62 -33.99
CA GLU A 80 12.93 -0.09 -35.04
C GLU A 80 11.49 -0.34 -34.59
N GLU A 81 10.55 -0.17 -35.53
CA GLU A 81 9.13 -0.38 -35.25
C GLU A 81 8.91 -1.87 -35.10
N LYS A 82 8.40 -2.30 -33.94
CA LYS A 82 8.23 -3.73 -33.66
C LYS A 82 6.77 -4.17 -33.53
N GLY A 83 5.85 -3.22 -33.77
CA GLY A 83 4.43 -3.49 -33.74
C GLY A 83 3.78 -3.20 -32.39
N PRO A 84 2.51 -3.63 -32.22
CA PRO A 84 1.72 -3.27 -31.04
C PRO A 84 2.00 -4.13 -29.81
N GLU A 85 2.88 -5.13 -29.93
CA GLU A 85 2.96 -6.15 -28.88
C GLU A 85 3.39 -5.66 -27.49
N VAL A 86 4.36 -4.75 -27.44
CA VAL A 86 4.88 -4.26 -26.19
C VAL A 86 3.78 -3.47 -25.49
N ARG A 87 3.10 -2.57 -26.22
CA ARG A 87 1.96 -1.80 -25.68
C ARG A 87 0.87 -2.77 -25.21
N GLU A 88 0.50 -3.76 -26.04
CA GLU A 88 -0.55 -4.69 -25.67
C GLU A 88 -0.26 -5.39 -24.36
N TYR A 89 0.98 -5.85 -24.21
CA TYR A 89 1.33 -6.70 -23.04
C TYR A 89 1.48 -5.81 -21.81
N ARG A 90 2.04 -4.62 -21.96
CA ARG A 90 2.03 -3.61 -20.87
C ARG A 90 0.58 -3.33 -20.44
N GLU A 91 -0.33 -3.12 -21.40
CA GLU A 91 -1.74 -2.94 -21.12
C GLU A 91 -2.35 -4.12 -20.40
N LYS A 92 -1.98 -5.34 -20.78
CA LYS A 92 -2.52 -6.53 -20.13
C LYS A 92 -2.17 -6.54 -18.64
N VAL A 93 -0.89 -6.32 -18.36
CA VAL A 93 -0.39 -6.31 -16.99
C VAL A 93 -1.03 -5.16 -16.24
N GLU A 94 -1.12 -4.00 -16.90
CA GLU A 94 -1.78 -2.82 -16.30
C GLU A 94 -3.23 -3.07 -15.87
N THR A 95 -3.99 -3.71 -16.75
CA THR A 95 -5.39 -4.02 -16.52
C THR A 95 -5.52 -4.99 -15.33
N GLU A 96 -4.62 -5.97 -15.25
CA GLU A 96 -4.62 -6.92 -14.14
C GLU A 96 -4.33 -6.21 -12.83
N LEU A 97 -3.34 -5.33 -12.85
CA LEU A 97 -2.98 -4.51 -11.68
C LEU A 97 -4.16 -3.67 -11.23
N GLN A 98 -4.82 -2.99 -12.17
CA GLN A 98 -5.96 -2.15 -11.86
C GLN A 98 -7.08 -2.99 -11.24
N GLY A 99 -7.27 -4.20 -11.76
CA GLY A 99 -8.26 -5.10 -11.22
C GLY A 99 -8.01 -5.48 -9.76
N VAL A 100 -6.75 -5.76 -9.42
CA VAL A 100 -6.37 -6.07 -8.04
C VAL A 100 -6.64 -4.84 -7.16
N CYS A 101 -6.20 -3.67 -7.61
CA CYS A 101 -6.43 -2.45 -6.86
C CYS A 101 -7.91 -2.19 -6.60
N ASP A 102 -8.74 -2.37 -7.64
CA ASP A 102 -10.17 -2.17 -7.50
C ASP A 102 -10.75 -3.21 -6.53
N THR A 103 -10.22 -4.44 -6.55
CA THR A 103 -10.68 -5.46 -5.61
C THR A 103 -10.42 -5.02 -4.15
N VAL A 104 -9.19 -4.58 -3.87
CA VAL A 104 -8.84 -4.15 -2.53
C VAL A 104 -9.71 -2.96 -2.14
N LEU A 105 -9.83 -1.97 -3.03
CA LEU A 105 -10.56 -0.77 -2.71
C LEU A 105 -12.02 -1.15 -2.45
N GLY A 106 -12.50 -2.15 -3.20
CA GLY A 106 -13.83 -2.71 -2.99
C GLY A 106 -14.05 -3.27 -1.61
N LEU A 107 -13.06 -4.03 -1.11
CA LEU A 107 -13.17 -4.60 0.22
C LEU A 107 -13.18 -3.50 1.28
N LEU A 108 -12.33 -2.49 1.08
CA LEU A 108 -12.24 -1.40 2.04
C LEU A 108 -13.56 -0.61 2.08
N ASP A 109 -14.19 -0.44 0.92
CA ASP A 109 -15.44 0.33 0.82
C ASP A 109 -16.65 -0.49 1.21
N SER A 110 -16.54 -1.82 1.15
CA SER A 110 -17.67 -2.72 1.38
C SER A 110 -17.24 -3.91 2.25
N HIS A 111 -17.10 -3.72 3.58
CA HIS A 111 -17.47 -2.54 4.34
C HIS A 111 -16.45 -2.32 5.46
N LEU A 112 -15.17 -2.60 5.18
CA LEU A 112 -14.15 -2.54 6.23
C LEU A 112 -14.03 -1.18 6.91
N ILE A 113 -13.93 -0.11 6.11
CA ILE A 113 -13.68 1.22 6.68
C ILE A 113 -14.85 1.70 7.52
N LYS A 114 -16.07 1.57 7.00
CA LYS A 114 -17.24 2.08 7.73
C LYS A 114 -17.45 1.41 9.08
N GLU A 115 -16.99 0.15 9.25
CA GLU A 115 -17.15 -0.54 10.54
C GLU A 115 -15.96 -0.34 11.49
N ALA A 116 -14.90 0.32 11.02
CA ALA A 116 -13.65 0.48 11.78
C ALA A 116 -13.71 1.73 12.64
N GLY A 117 -13.88 1.53 13.95
CA GLY A 117 -14.04 2.61 14.93
C GLY A 117 -12.78 2.92 15.72
N ASP A 118 -11.97 1.90 15.99
CA ASP A 118 -10.74 2.10 16.76
C ASP A 118 -9.67 2.69 15.86
N ALA A 119 -8.79 3.53 16.44
CA ALA A 119 -7.78 4.18 15.60
C ALA A 119 -6.91 3.20 14.81
N GLU A 120 -6.48 2.12 15.46
CA GLU A 120 -5.54 1.19 14.81
C GLU A 120 -6.16 0.58 13.57
N SER A 121 -7.45 0.27 13.60
CA SER A 121 -8.07 -0.33 12.45
C SER A 121 -8.37 0.72 11.39
N ARG A 122 -8.97 1.83 11.80
CA ARG A 122 -9.40 2.88 10.84
C ARG A 122 -8.19 3.49 10.13
N VAL A 123 -7.12 3.82 10.87
CA VAL A 123 -5.93 4.35 10.23
C VAL A 123 -5.30 3.35 9.26
N PHE A 124 -5.21 2.07 9.67
CA PHE A 124 -4.63 1.03 8.82
C PHE A 124 -5.41 0.91 7.50
N TYR A 125 -6.74 0.89 7.57
CA TYR A 125 -7.57 0.75 6.35
C TYR A 125 -7.46 1.99 5.47
N LEU A 126 -7.48 3.17 6.08
CA LEU A 126 -7.36 4.39 5.31
C LEU A 126 -6.00 4.51 4.64
N LYS A 127 -4.94 4.08 5.34
CA LYS A 127 -3.63 3.91 4.69
C LYS A 127 -3.67 3.00 3.46
N MET A 128 -4.31 1.83 3.61
CA MET A 128 -4.42 0.92 2.48
C MET A 128 -5.18 1.59 1.34
N LYS A 129 -6.24 2.34 1.65
CA LYS A 129 -7.00 3.01 0.60
C LYS A 129 -6.06 3.99 -0.16
N GLY A 130 -5.28 4.77 0.60
CA GLY A 130 -4.29 5.66 0.00
C GLY A 130 -3.31 4.89 -0.89
N ASP A 131 -2.83 3.76 -0.38
CA ASP A 131 -1.82 2.97 -1.06
C ASP A 131 -2.33 2.47 -2.43
N TYR A 132 -3.55 1.92 -2.45
CA TYR A 132 -4.15 1.31 -3.67
C TYR A 132 -4.58 2.40 -4.65
N TYR A 133 -5.04 3.58 -4.21
CA TYR A 133 -5.19 4.71 -5.15
C TYR A 133 -3.82 5.16 -5.67
N ARG A 134 -2.80 5.14 -4.82
CA ARG A 134 -1.43 5.50 -5.29
C ARG A 134 -1.01 4.54 -6.40
N TYR A 135 -1.25 3.24 -6.27
CA TYR A 135 -0.86 2.28 -7.34
C TYR A 135 -1.67 2.57 -8.60
N LEU A 136 -2.96 2.91 -8.46
CA LEU A 136 -3.74 3.26 -9.65
C LEU A 136 -3.13 4.50 -10.31
N ALA A 137 -2.70 5.46 -9.49
CA ALA A 137 -2.10 6.69 -10.00
C ALA A 137 -0.80 6.48 -10.74
N GLU A 138 0.00 5.52 -10.30
CA GLU A 138 1.27 5.22 -10.95
C GLU A 138 1.10 4.88 -12.44
N VAL A 139 -0.05 4.29 -12.81
CA VAL A 139 -0.35 3.87 -14.18
C VAL A 139 -1.37 4.72 -14.92
N ALA A 140 -1.93 5.74 -14.23
CA ALA A 140 -2.95 6.62 -14.81
C ALA A 140 -2.34 7.63 -15.75
N THR A 141 -3.02 7.82 -16.88
CA THR A 141 -2.65 8.77 -17.94
C THR A 141 -3.81 9.58 -18.53
N GLY A 142 -5.04 9.35 -18.02
CA GLY A 142 -6.27 9.84 -18.62
C GLY A 142 -7.00 10.96 -17.87
N ASP A 143 -8.29 11.15 -18.23
CA ASP A 143 -9.19 12.20 -17.71
C ASP A 143 -9.32 12.18 -16.17
N ASP A 144 -9.23 10.97 -15.59
CA ASP A 144 -9.43 10.77 -14.15
C ASP A 144 -8.15 10.76 -13.31
N LYS A 145 -6.98 10.93 -13.95
CA LYS A 145 -5.70 10.90 -13.25
C LYS A 145 -5.65 11.84 -12.02
N LYS A 146 -6.12 13.07 -12.20
CA LYS A 146 -6.11 14.02 -11.08
C LYS A 146 -6.99 13.56 -9.94
N ARG A 147 -8.15 12.99 -10.28
CA ARG A 147 -9.15 12.54 -9.28
C ARG A 147 -8.58 11.30 -8.56
N ILE A 148 -7.83 10.45 -9.26
CA ILE A 148 -7.22 9.27 -8.63
C ILE A 148 -6.19 9.73 -7.62
N ILE A 149 -5.32 10.66 -8.04
CA ILE A 149 -4.34 11.26 -7.12
C ILE A 149 -5.00 11.90 -5.89
N ASP A 150 -6.09 12.65 -6.10
CA ASP A 150 -6.78 13.26 -4.97
C ASP A 150 -7.45 12.24 -4.04
N SER A 151 -7.93 11.12 -4.61
CA SER A 151 -8.48 10.03 -3.81
C SER A 151 -7.40 9.44 -2.89
N ALA A 152 -6.19 9.24 -3.42
CA ALA A 152 -5.08 8.79 -2.59
C ALA A 152 -4.80 9.80 -1.49
N ARG A 153 -4.62 11.07 -1.89
CA ARG A 153 -4.30 12.18 -0.95
C ARG A 153 -5.35 12.24 0.17
N SER A 154 -6.64 12.22 -0.19
CA SER A 154 -7.72 12.34 0.78
C SER A 154 -7.73 11.22 1.82
N ALA A 155 -7.51 9.99 1.36
CA ALA A 155 -7.48 8.86 2.25
C ALA A 155 -6.28 8.94 3.22
N TYR A 156 -5.09 9.23 2.68
CA TYR A 156 -3.87 9.43 3.50
C TYR A 156 -4.07 10.57 4.50
N GLN A 157 -4.72 11.65 4.07
CA GLN A 157 -4.88 12.80 4.94
C GLN A 157 -5.79 12.46 6.09
N GLU A 158 -6.89 11.73 5.81
CA GLU A 158 -7.82 11.36 6.89
C GLU A 158 -7.10 10.46 7.89
N ALA A 159 -6.34 9.51 7.37
CA ALA A 159 -5.53 8.60 8.19
C ALA A 159 -4.56 9.41 9.06
N MET A 160 -3.89 10.38 8.44
CA MET A 160 -2.92 11.23 9.14
C MET A 160 -3.60 11.97 10.29
N ASP A 161 -4.74 12.58 10.01
CA ASP A 161 -5.40 13.38 11.01
C ASP A 161 -5.74 12.49 12.25
N ILE A 162 -6.28 11.29 12.01
CA ILE A 162 -6.63 10.38 13.10
C ILE A 162 -5.39 9.94 13.84
N SER A 163 -4.33 9.60 13.11
CA SER A 163 -3.11 9.07 13.71
C SER A 163 -2.46 10.09 14.63
N LYS A 164 -2.47 11.36 14.23
CA LYS A 164 -1.87 12.39 15.08
C LYS A 164 -2.66 12.63 16.36
N LYS A 165 -3.98 12.49 16.29
CA LYS A 165 -4.84 12.69 17.46
C LYS A 165 -4.82 11.50 18.43
N GLU A 166 -4.76 10.27 17.87
CA GLU A 166 -5.11 9.05 18.62
C GLU A 166 -3.96 8.07 18.89
N MET A 167 -2.78 8.30 18.31
CA MET A 167 -1.67 7.37 18.39
C MET A 167 -0.40 8.11 18.79
N PRO A 168 0.49 7.43 19.55
CA PRO A 168 1.78 8.02 19.85
C PRO A 168 2.66 8.07 18.62
N PRO A 169 3.65 8.98 18.61
CA PRO A 169 4.49 9.20 17.43
C PRO A 169 5.30 7.96 17.04
N THR A 170 5.47 7.00 17.95
CA THR A 170 6.20 5.77 17.66
C THR A 170 5.33 4.61 17.18
N ASN A 171 4.01 4.82 17.15
CA ASN A 171 3.12 3.74 16.75
C ASN A 171 3.48 3.27 15.35
N PRO A 172 3.75 1.96 15.14
CA PRO A 172 4.16 1.48 13.82
C PRO A 172 3.16 1.80 12.70
N ILE A 173 1.86 1.85 12.99
CA ILE A 173 0.90 2.19 11.94
C ILE A 173 1.04 3.66 11.56
N ARG A 174 1.20 4.52 12.57
CA ARG A 174 1.43 5.97 12.34
C ARG A 174 2.72 6.14 11.53
N LEU A 175 3.78 5.43 11.89
CA LEU A 175 5.05 5.53 11.19
C LEU A 175 4.92 5.07 9.75
N GLY A 176 4.26 3.94 9.57
CA GLY A 176 4.11 3.37 8.24
C GLY A 176 3.26 4.23 7.33
N LEU A 177 2.21 4.81 7.90
CA LEU A 177 1.36 5.74 7.16
C LEU A 177 2.18 6.92 6.66
N ALA A 178 3.00 7.47 7.55
CA ALA A 178 3.81 8.66 7.25
C ALA A 178 4.85 8.34 6.17
N LEU A 179 5.47 7.17 6.29
CA LEU A 179 6.42 6.71 5.30
C LEU A 179 5.79 6.71 3.92
N ASN A 180 4.62 6.11 3.82
CA ASN A 180 3.97 5.93 2.51
C ASN A 180 3.37 7.24 1.98
N PHE A 181 2.82 8.09 2.87
CA PHE A 181 2.29 9.38 2.44
C PHE A 181 3.45 10.26 1.94
N SER A 182 4.61 10.12 2.58
CA SER A 182 5.80 10.86 2.17
C SER A 182 6.21 10.43 0.78
N VAL A 183 6.20 9.12 0.52
CA VAL A 183 6.46 8.61 -0.81
C VAL A 183 5.44 9.11 -1.84
N PHE A 184 4.16 9.09 -1.49
CA PHE A 184 3.11 9.69 -2.29
C PHE A 184 3.51 11.12 -2.70
N HIS A 185 3.97 11.92 -1.75
CA HIS A 185 4.31 13.30 -2.07
C HIS A 185 5.42 13.37 -3.07
N TYR A 186 6.43 12.52 -2.89
CA TYR A 186 7.66 12.53 -3.70
C TYR A 186 7.39 12.01 -5.12
N GLU A 187 6.69 10.88 -5.23
CA GLU A 187 6.57 10.14 -6.49
C GLU A 187 5.32 10.44 -7.30
N ILE A 188 4.25 10.86 -6.63
CA ILE A 188 2.95 11.03 -7.26
C ILE A 188 2.51 12.49 -7.36
N ALA A 189 2.68 13.27 -6.28
CA ALA A 189 2.15 14.62 -6.17
C ALA A 189 3.13 15.72 -6.59
N ASN A 190 4.36 15.32 -6.97
CA ASN A 190 5.39 16.27 -7.42
C ASN A 190 5.75 17.27 -6.33
N SER A 191 5.81 16.78 -5.10
CA SER A 191 5.98 17.62 -3.90
C SER A 191 7.15 17.09 -3.07
N PRO A 192 8.39 17.08 -3.61
CA PRO A 192 9.51 16.49 -2.89
C PRO A 192 9.81 17.22 -1.57
N GLU A 193 9.58 18.52 -1.49
CA GLU A 193 9.78 19.22 -0.24
C GLU A 193 8.82 18.75 0.88
N GLU A 194 7.56 18.50 0.52
CA GLU A 194 6.58 17.98 1.45
C GLU A 194 6.96 16.56 1.90
N ALA A 195 7.47 15.76 0.97
CA ALA A 195 7.90 14.41 1.26
C ALA A 195 9.01 14.41 2.30
N ILE A 196 10.00 15.27 2.08
CA ILE A 196 11.19 15.36 2.92
C ILE A 196 10.80 15.89 4.31
N SER A 197 9.99 16.96 4.32
CA SER A 197 9.53 17.54 5.56
C SER A 197 8.78 16.52 6.40
N LEU A 198 7.86 15.78 5.76
CA LEU A 198 7.07 14.79 6.48
C LEU A 198 7.96 13.68 7.05
N ALA A 199 8.88 13.16 6.23
CA ALA A 199 9.74 12.07 6.69
C ALA A 199 10.61 12.52 7.87
N LYS A 200 11.15 13.73 7.75
CA LYS A 200 12.00 14.29 8.83
C LYS A 200 11.23 14.50 10.13
N THR A 201 10.09 15.21 10.07
CA THR A 201 9.29 15.49 11.25
C THR A 201 8.83 14.19 11.89
N THR A 202 8.42 13.22 11.08
CA THR A 202 7.94 11.95 11.64
C THR A 202 9.07 11.25 12.37
N PHE A 203 10.25 11.23 11.74
CA PHE A 203 11.43 10.59 12.32
C PHE A 203 11.78 11.24 13.66
N ASP A 204 11.86 12.56 13.68
CA ASP A 204 12.30 13.29 14.87
C ASP A 204 11.29 13.14 16.01
N GLU A 205 9.99 13.19 15.70
CA GLU A 205 8.98 13.07 16.75
C GLU A 205 8.97 11.66 17.34
N ALA A 206 9.26 10.68 16.51
CA ALA A 206 9.35 9.31 16.98
C ALA A 206 10.57 9.12 17.88
N MET A 207 11.72 9.63 17.43
CA MET A 207 12.97 9.58 18.20
C MET A 207 12.72 10.05 19.63
N ALA A 208 11.98 11.15 19.78
CA ALA A 208 11.72 11.75 21.06
C ALA A 208 10.78 10.97 21.97
N ASP A 209 10.09 9.97 21.42
CA ASP A 209 9.13 9.15 22.13
C ASP A 209 9.65 7.71 22.41
N LEU A 210 10.81 7.35 21.86
CA LEU A 210 11.36 6.00 22.03
C LEU A 210 11.61 5.67 23.51
N HIS A 211 11.83 6.69 24.35
CA HIS A 211 12.17 6.46 25.76
C HIS A 211 11.03 5.81 26.53
N THR A 212 9.80 5.91 26.00
CA THR A 212 8.59 5.41 26.66
C THR A 212 8.37 3.92 26.42
N LEU A 213 9.16 3.33 25.52
CA LEU A 213 8.90 1.99 24.99
C LEU A 213 9.68 0.85 25.60
N SER A 214 9.08 -0.34 25.57
CA SER A 214 9.77 -1.60 25.81
C SER A 214 10.79 -1.90 24.74
N GLU A 215 11.66 -2.88 25.02
CA GLU A 215 12.64 -3.34 24.07
C GLU A 215 11.95 -3.81 22.77
N ASP A 216 10.84 -4.55 22.90
CA ASP A 216 10.22 -5.10 21.71
C ASP A 216 9.53 -4.00 20.90
N SER A 217 8.86 -3.06 21.56
CA SER A 217 8.23 -1.93 20.86
C SER A 217 9.28 -1.04 20.21
N TYR A 218 10.37 -0.84 20.92
CA TYR A 218 11.55 -0.10 20.41
C TYR A 218 12.03 -0.72 19.09
N LYS A 219 12.18 -2.06 19.04
CA LYS A 219 12.64 -2.71 17.82
C LYS A 219 11.68 -2.46 16.64
N ASP A 220 10.37 -2.56 16.92
CA ASP A 220 9.33 -2.37 15.90
C ASP A 220 9.38 -0.95 15.35
N SER A 221 9.42 0.04 16.25
CA SER A 221 9.39 1.44 15.84
C SER A 221 10.67 1.85 15.12
N THR A 222 11.83 1.42 15.62
CA THR A 222 13.09 1.82 15.02
C THR A 222 13.26 1.21 13.64
N LEU A 223 12.70 0.03 13.41
CA LEU A 223 12.77 -0.58 12.10
C LEU A 223 12.14 0.34 11.04
N ILE A 224 10.97 0.90 11.35
CA ILE A 224 10.27 1.77 10.38
C ILE A 224 10.95 3.12 10.32
N MET A 225 11.51 3.56 11.46
CA MET A 225 12.26 4.82 11.46
C MET A 225 13.44 4.75 10.52
N GLN A 226 14.10 3.58 10.42
CA GLN A 226 15.21 3.42 9.53
C GLN A 226 14.80 3.54 8.06
N LEU A 227 13.58 3.09 7.74
CA LEU A 227 13.06 3.23 6.37
C LEU A 227 12.83 4.73 6.05
N LEU A 228 12.30 5.51 7.00
CA LEU A 228 12.21 6.96 6.85
C LEU A 228 13.60 7.56 6.57
N ARG A 229 14.60 7.14 7.35
CA ARG A 229 15.99 7.63 7.17
C ARG A 229 16.50 7.18 5.78
N ASP A 230 16.20 5.96 5.37
CA ASP A 230 16.69 5.46 4.09
C ASP A 230 16.15 6.35 2.97
N ASN A 231 14.85 6.66 3.02
CA ASN A 231 14.26 7.52 2.01
C ASN A 231 14.85 8.91 2.01
N LEU A 232 15.00 9.50 3.18
CA LEU A 232 15.66 10.81 3.32
C LEU A 232 17.06 10.83 2.72
N THR A 233 17.81 9.75 2.91
CA THR A 233 19.16 9.61 2.34
C THR A 233 19.11 9.52 0.80
N LEU A 234 18.09 8.83 0.27
CA LEU A 234 17.84 8.74 -1.15
C LEU A 234 17.55 10.11 -1.76
N TRP A 235 16.84 10.95 -1.01
CA TRP A 235 16.28 12.22 -1.51
C TRP A 235 17.07 13.50 -1.21
N THR A 236 18.12 13.40 -0.39
CA THR A 236 18.92 14.55 0.00
C THR A 236 20.38 14.31 -0.29
N PHE B 1 13.78 2.53 -6.27
CA PHE B 1 12.48 2.95 -5.68
C PHE B 1 12.59 3.16 -4.17
N PRO B 2 11.80 4.10 -3.60
CA PRO B 2 11.81 4.33 -2.15
C PRO B 2 11.03 3.27 -1.35
N ALA B 3 11.30 3.19 -0.04
CA ALA B 3 10.72 2.23 0.84
C ALA B 3 9.30 2.61 1.22
N TPO B 4 8.40 1.64 1.15
CA TPO B 4 7.01 1.71 1.65
CB TPO B 4 6.02 1.98 0.51
CG2 TPO B 4 6.25 3.31 -0.17
OG1 TPO B 4 6.20 0.92 -0.47
P TPO B 4 5.16 0.67 -1.70
O1P TPO B 4 5.58 -0.74 -2.09
O2P TPO B 4 5.45 1.70 -2.74
O3P TPO B 4 3.77 0.79 -1.15
C TPO B 4 6.69 0.42 2.40
O TPO B 4 7.34 -0.60 2.12
N VAL B 5 5.70 0.45 3.29
CA VAL B 5 5.29 -0.72 4.03
C VAL B 5 3.82 -1.01 3.88
MG MG C . 2.90 19.23 8.51
MG MG D . -19.15 -20.30 9.81
MG MG E . -4.69 1.11 -19.74
C1 O3O F . -2.74 -3.91 13.99
C2 O3O F . -3.04 -4.36 15.40
C3 O3O F . -1.35 -4.25 11.98
C4 O3O F . -0.31 -3.13 11.96
C5 O3O F . 1.19 -3.43 11.72
C6 O3O F . 1.97 -3.71 13.00
C7 O3O F . 3.47 -3.67 12.81
O1 O3O F . -3.43 -3.01 13.49
N1 O3O F . -1.77 -4.54 13.34
N2 O3O F . 3.89 -4.19 11.49
C8 O3O F . 5.09 -3.84 10.97
O2 O3O F . 5.83 -3.18 11.70
C9 O3O F . 5.60 -4.20 9.56
N3 O3O F . 4.68 -3.83 8.48
C10 O3O F . 3.83 -2.74 8.51
C11 O3O F . 4.03 -1.66 9.38
C12 O3O F . 3.14 -0.60 9.39
C13 O3O F . 2.06 -0.61 8.55
CL2 O3O F . 0.94 0.73 8.61
C14 O3O F . 1.83 -1.66 7.69
C15 O3O F . 2.72 -2.72 7.66
C16 O3O F . 5.91 -5.71 9.49
C17 O3O F . 6.58 -6.05 8.18
N4 O3O F . 7.77 -5.23 7.91
C18 O3O F . 7.46 -3.78 7.95
C19 O3O F . 6.91 -3.42 9.30
C20 O3O F . 2.91 -5.14 10.91
C21 O3O F . 1.54 -4.52 10.71
#